data_7TQK
#
_entry.id   7TQK
#
_cell.length_a   45.751
_cell.length_b   74.299
_cell.length_c   74.663
_cell.angle_alpha   90.000
_cell.angle_beta   90.000
_cell.angle_gamma   90.000
#
_symmetry.space_group_name_H-M   'P 2 21 21'
#
loop_
_entity.id
_entity.type
_entity.pdbx_description
1 polymer 'Nitrogenase iron protein 1'
2 non-polymer 'IRON/SULFUR CLUSTER'
3 non-polymer 'Fe4-Se4 cluster'
4 non-polymer "ADENOSINE-5'-DIPHOSPHATE"
5 non-polymer 'MAGNESIUM ION'
6 water water
#
_entity_poly.entity_id   1
_entity_poly.type   'polypeptide(L)'
_entity_poly.pdbx_seq_one_letter_code
;MAMRQCAIYGKGGIGKSTTTQNLVAALAEMGKKVMIVGCDPKADSTRLILHSKAQNTIMEMAAEAGTVEDLELEDVLKAG
YGGVKCVESGGPEPGVGCAGRGVITAINFLEEEGAYEDDLDFVFYDVLGDVVCGGFAMPIRENKAQEIYIVCSGEMMAMY
AANNISKGIVKYANSGSVRLGGLICNSRNTDREDELIIALANKLGTQMIHFVPRDNVVQRAEIRRMTVIEYDPKAKQADE
YRALARKVVDNKLLVIPNPITMDELEELLMEFGIMEVEDESIVGKTAEEV
;
_entity_poly.pdbx_strand_id   A
#
loop_
_chem_comp.id
_chem_comp.type
_chem_comp.name
_chem_comp.formula
ADP non-polymer ADENOSINE-5'-DIPHOSPHATE 'C10 H15 N5 O10 P2'
MG non-polymer 'MAGNESIUM ION' 'Mg 2'
SF4 non-polymer 'IRON/SULFUR CLUSTER' 'Fe4 S4'
SFS non-polymer 'Fe4-Se4 cluster' 'Fe4 Se4'
#
# COMPACT_ATOMS: atom_id res chain seq x y z
N ALA A 2 7.86 0.58 19.72
CA ALA A 2 8.21 0.59 18.30
C ALA A 2 6.95 0.41 17.47
N MET A 3 7.02 0.75 16.19
CA MET A 3 5.91 0.47 15.29
C MET A 3 6.54 0.06 13.97
N ARG A 4 5.85 -0.80 13.25
CA ARG A 4 6.33 -1.21 11.94
C ARG A 4 5.73 -0.32 10.87
N GLN A 5 6.59 0.24 10.02
CA GLN A 5 6.18 1.17 9.00
C GLN A 5 6.29 0.48 7.67
N CYS A 6 5.14 0.27 7.05
CA CYS A 6 4.98 -0.54 5.86
C CYS A 6 4.39 0.32 4.76
N ALA A 7 4.82 0.08 3.53
CA ALA A 7 4.21 0.77 2.40
C ALA A 7 3.79 -0.26 1.37
N ILE A 8 2.61 -0.05 0.81
CA ILE A 8 2.02 -0.91 -0.22
C ILE A 8 2.15 -0.15 -1.53
N TYR A 9 2.91 -0.72 -2.46
CA TYR A 9 3.17 -0.14 -3.78
C TYR A 9 2.62 -1.09 -4.85
N GLY A 10 2.54 -0.59 -6.07
CA GLY A 10 2.07 -1.38 -7.20
C GLY A 10 1.42 -0.49 -8.24
N LYS A 11 1.17 -1.07 -9.42
CA LYS A 11 0.60 -0.27 -10.50
C LYS A 11 -0.84 0.13 -10.19
N GLY A 12 -1.32 1.14 -10.90
CA GLY A 12 -2.68 1.61 -10.67
C GLY A 12 -3.70 0.54 -11.00
N GLY A 13 -4.73 0.44 -10.16
CA GLY A 13 -5.79 -0.52 -10.41
C GLY A 13 -5.49 -1.94 -9.98
N ILE A 14 -4.30 -2.21 -9.43
CA ILE A 14 -3.91 -3.58 -9.15
C ILE A 14 -4.56 -4.11 -7.89
N GLY A 15 -5.02 -3.24 -7.00
CA GLY A 15 -5.65 -3.63 -5.75
C GLY A 15 -4.97 -3.15 -4.49
N LYS A 16 -4.15 -2.09 -4.57
CA LYS A 16 -3.48 -1.58 -3.38
C LYS A 16 -4.46 -1.19 -2.28
N SER A 17 -5.46 -0.38 -2.60
CA SER A 17 -6.30 0.17 -1.54
C SER A 17 -7.26 -0.88 -0.98
N THR A 18 -7.78 -1.74 -1.84
CA THR A 18 -8.62 -2.83 -1.35
C THR A 18 -7.81 -3.76 -0.45
N THR A 19 -6.62 -4.14 -0.91
CA THR A 19 -5.79 -5.04 -0.11
C THR A 19 -5.37 -4.39 1.20
N THR A 20 -4.93 -3.12 1.14
CA THR A 20 -4.45 -2.46 2.35
C THR A 20 -5.56 -2.32 3.38
N GLN A 21 -6.73 -1.83 2.96
CA GLN A 21 -7.78 -1.60 3.94
C GLN A 21 -8.27 -2.90 4.55
N ASN A 22 -8.37 -3.96 3.75
CA ASN A 22 -8.79 -5.26 4.29
C ASN A 22 -7.72 -5.86 5.20
N LEU A 23 -6.44 -5.77 4.81
CA LEU A 23 -5.36 -6.21 5.68
CA LEU A 23 -5.35 -6.23 5.68
C LEU A 23 -5.40 -5.49 7.01
N VAL A 24 -5.54 -4.17 6.97
CA VAL A 24 -5.54 -3.36 8.17
C VAL A 24 -6.77 -3.67 9.03
N ALA A 25 -7.94 -3.88 8.40
CA ALA A 25 -9.11 -4.27 9.19
C ALA A 25 -8.87 -5.58 9.94
N ALA A 26 -8.24 -6.56 9.28
CA ALA A 26 -7.91 -7.82 9.94
C ALA A 26 -6.93 -7.59 11.08
N LEU A 27 -5.96 -6.69 10.89
CA LEU A 27 -5.04 -6.36 11.98
C LEU A 27 -5.79 -5.74 13.15
N ALA A 28 -6.74 -4.84 12.87
CA ALA A 28 -7.48 -4.23 13.96
C ALA A 28 -8.36 -5.26 14.67
N GLU A 29 -8.96 -6.16 13.91
CA GLU A 29 -9.76 -7.24 14.49
C GLU A 29 -8.93 -8.10 15.42
N MET A 30 -7.65 -8.24 15.13
CA MET A 30 -6.66 -8.97 15.91
C MET A 30 -6.22 -8.21 17.16
N GLY A 31 -6.56 -6.93 17.28
CA GLY A 31 -6.13 -6.12 18.40
C GLY A 31 -5.00 -5.15 18.13
N LYS A 32 -4.55 -5.00 16.88
CA LYS A 32 -3.47 -4.07 16.58
C LYS A 32 -4.03 -2.66 16.40
N LYS A 33 -3.21 -1.67 16.74
CA LYS A 33 -3.51 -0.27 16.48
C LYS A 33 -2.78 0.17 15.22
N VAL A 34 -3.53 0.69 14.24
CA VAL A 34 -2.99 0.93 12.91
C VAL A 34 -3.40 2.31 12.41
N MET A 35 -2.50 2.94 11.65
CA MET A 35 -2.82 4.16 10.91
C MET A 35 -2.57 3.92 9.42
N ILE A 36 -3.50 4.37 8.58
CA ILE A 36 -3.34 4.33 7.13
C ILE A 36 -3.09 5.75 6.63
N VAL A 37 -2.05 5.91 5.80
CA VAL A 37 -1.70 7.19 5.19
C VAL A 37 -1.85 7.03 3.68
N GLY A 38 -2.85 7.69 3.10
CA GLY A 38 -3.04 7.57 1.66
C GLY A 38 -2.04 8.47 0.92
N CYS A 39 -1.28 7.84 0.00
CA CYS A 39 -0.24 8.50 -0.80
C CYS A 39 -0.51 8.31 -2.29
N ASP A 40 -1.77 8.33 -2.68
CA ASP A 40 -2.19 8.18 -4.07
C ASP A 40 -3.16 9.33 -4.36
N PRO A 41 -2.96 10.08 -5.44
CA PRO A 41 -3.86 11.22 -5.72
C PRO A 41 -5.32 10.86 -5.88
N LYS A 42 -5.65 9.59 -6.17
CA LYS A 42 -7.04 9.16 -6.25
C LYS A 42 -7.77 9.38 -4.92
N ALA A 43 -7.04 9.32 -3.81
CA ALA A 43 -7.50 9.77 -2.49
C ALA A 43 -8.71 9.02 -1.96
N ASP A 44 -8.87 7.76 -2.34
CA ASP A 44 -9.93 6.90 -1.82
C ASP A 44 -9.37 5.70 -1.07
N SER A 45 -8.17 5.85 -0.49
CA SER A 45 -7.46 4.78 0.20
C SER A 45 -7.98 4.50 1.61
N THR A 46 -8.90 5.31 2.12
CA THR A 46 -9.40 5.16 3.48
C THR A 46 -10.91 5.02 3.54
N ARG A 47 -11.59 5.03 2.39
CA ARG A 47 -13.05 5.10 2.34
CA ARG A 47 -13.05 5.12 2.40
C ARG A 47 -13.72 3.87 2.96
N LEU A 48 -13.08 2.71 2.87
CA LEU A 48 -13.69 1.48 3.38
C LEU A 48 -13.56 1.37 4.90
N ILE A 49 -12.56 2.03 5.48
CA ILE A 49 -12.46 2.12 6.93
C ILE A 49 -13.43 3.16 7.47
N LEU A 50 -13.61 4.27 6.75
CA LEU A 50 -14.45 5.38 7.21
C LEU A 50 -15.89 5.29 6.74
N HIS A 51 -16.26 4.29 5.93
CA HIS A 51 -17.64 4.12 5.45
C HIS A 51 -18.08 5.31 4.59
N SER A 52 -17.14 5.86 3.81
CA SER A 52 -17.26 7.20 3.28
C SER A 52 -17.17 7.16 1.76
N LYS A 53 -17.47 8.31 1.14
CA LYS A 53 -17.17 8.48 -0.28
C LYS A 53 -15.66 8.45 -0.48
N ALA A 54 -14.96 9.33 0.25
CA ALA A 54 -13.51 9.30 0.33
C ALA A 54 -13.11 9.98 1.63
N GLN A 55 -12.09 10.84 1.57
CA GLN A 55 -11.68 11.60 2.73
C GLN A 55 -11.07 12.89 2.23
N ASN A 56 -11.40 14.02 2.88
CA ASN A 56 -10.79 15.28 2.47
C ASN A 56 -9.30 15.26 2.78
N THR A 57 -8.50 15.81 1.87
CA THR A 57 -7.06 15.61 1.94
C THR A 57 -6.36 16.71 2.72
N ILE A 58 -5.12 16.43 3.14
CA ILE A 58 -4.34 17.46 3.82
C ILE A 58 -4.12 18.67 2.92
N MET A 59 -3.81 18.43 1.64
CA MET A 59 -3.67 19.55 0.70
CA MET A 59 -3.66 19.56 0.72
C MET A 59 -4.94 20.39 0.65
N GLU A 60 -6.10 19.74 0.56
CA GLU A 60 -7.36 20.48 0.50
C GLU A 60 -7.61 21.25 1.78
N MET A 61 -7.41 20.59 2.92
CA MET A 61 -7.71 21.21 4.21
C MET A 61 -6.74 22.34 4.54
N ALA A 62 -5.47 22.19 4.19
CA ALA A 62 -4.51 23.28 4.37
C ALA A 62 -4.91 24.50 3.55
N ALA A 63 -5.40 24.29 2.33
CA ALA A 63 -5.79 25.41 1.49
C ALA A 63 -6.97 26.15 2.07
N GLU A 64 -7.94 25.43 2.64
CA GLU A 64 -9.10 26.09 3.23
C GLU A 64 -8.75 26.76 4.55
N ALA A 65 -7.78 26.22 5.29
CA ALA A 65 -7.41 26.77 6.59
C ALA A 65 -6.40 27.92 6.49
N GLY A 66 -5.74 28.07 5.35
CA GLY A 66 -4.67 29.05 5.20
C GLY A 66 -3.32 28.40 4.97
N THR A 67 -2.77 27.79 6.01
CA THR A 67 -1.53 27.05 5.91
C THR A 67 -1.70 25.71 6.59
N VAL A 68 -0.78 24.78 6.28
CA VAL A 68 -0.77 23.51 6.97
C VAL A 68 -0.57 23.67 8.48
N GLU A 69 0.03 24.78 8.92
CA GLU A 69 0.22 25.02 10.35
C GLU A 69 -1.07 25.35 11.08
N ASP A 70 -2.07 25.86 10.38
CA ASP A 70 -3.37 26.12 10.96
C ASP A 70 -4.19 24.86 11.14
N LEU A 71 -3.71 23.71 10.67
CA LEU A 71 -4.40 22.45 10.86
C LEU A 71 -3.92 21.80 12.14
N GLU A 72 -4.84 21.13 12.84
CA GLU A 72 -4.51 20.31 13.99
C GLU A 72 -4.62 18.85 13.57
N LEU A 73 -3.84 18.00 14.22
CA LEU A 73 -3.87 16.59 13.87
C LEU A 73 -5.27 16.01 14.07
N GLU A 74 -5.96 16.43 15.15
CA GLU A 74 -7.30 15.96 15.43
C GLU A 74 -8.30 16.38 14.37
N ASP A 75 -7.97 17.40 13.58
CA ASP A 75 -8.83 17.81 12.47
C ASP A 75 -8.64 16.95 11.24
N VAL A 76 -7.48 16.32 11.09
CA VAL A 76 -7.08 15.66 9.86
C VAL A 76 -7.20 14.14 9.96
N LEU A 77 -6.84 13.57 11.11
CA LEU A 77 -6.91 12.13 11.29
C LEU A 77 -8.33 11.76 11.68
N LYS A 78 -8.87 10.74 11.02
CA LYS A 78 -10.23 10.27 11.30
C LYS A 78 -10.19 8.78 11.60
N ALA A 79 -10.95 8.35 12.59
CA ALA A 79 -10.97 6.95 12.99
C ALA A 79 -12.23 6.25 12.47
N GLY A 80 -12.07 5.03 12.00
CA GLY A 80 -13.15 4.24 11.46
C GLY A 80 -13.21 2.86 12.09
N TYR A 81 -13.51 1.88 11.24
CA TYR A 81 -13.61 0.48 11.68
C TYR A 81 -12.43 0.10 12.56
N GLY A 82 -12.73 -0.55 13.69
CA GLY A 82 -11.71 -1.07 14.57
C GLY A 82 -10.80 -0.02 15.16
N GLY A 83 -11.18 1.24 15.09
CA GLY A 83 -10.35 2.33 15.57
C GLY A 83 -9.18 2.67 14.68
N VAL A 84 -9.16 2.14 13.45
CA VAL A 84 -8.09 2.46 12.50
C VAL A 84 -8.12 3.94 12.18
N LYS A 85 -6.96 4.60 12.27
CA LYS A 85 -6.83 6.01 12.00
C LYS A 85 -6.40 6.23 10.55
N CYS A 86 -7.00 7.25 9.91
CA CYS A 86 -6.93 7.41 8.46
C CYS A 86 -6.62 8.87 8.11
N VAL A 87 -5.78 9.05 7.09
CA VAL A 87 -5.45 10.38 6.58
C VAL A 87 -5.12 10.24 5.09
N GLU A 88 -5.46 11.28 4.31
CA GLU A 88 -5.18 11.32 2.88
C GLU A 88 -4.26 12.51 2.59
N SER A 89 -3.22 12.27 1.79
CA SER A 89 -2.29 13.33 1.41
C SER A 89 -2.94 14.31 0.45
N GLY A 90 -3.54 13.81 -0.60
CA GLY A 90 -3.96 14.66 -1.70
C GLY A 90 -2.81 14.96 -2.65
N GLY A 91 -3.14 15.75 -3.66
CA GLY A 91 -2.16 16.13 -4.66
C GLY A 91 -2.73 17.23 -5.52
N PRO A 92 -1.87 17.89 -6.28
CA PRO A 92 -2.36 18.94 -7.20
C PRO A 92 -3.23 18.33 -8.28
N GLU A 93 -4.07 19.19 -8.85
CA GLU A 93 -4.94 18.80 -9.95
C GLU A 93 -4.09 18.40 -11.16
N PRO A 94 -4.62 17.52 -12.03
CA PRO A 94 -3.85 17.10 -13.21
C PRO A 94 -3.37 18.28 -14.05
N GLY A 95 -2.16 18.12 -14.58
CA GLY A 95 -1.54 19.15 -15.40
C GLY A 95 -0.88 20.25 -14.64
N VAL A 96 -0.98 20.27 -13.31
CA VAL A 96 -0.44 21.32 -12.46
C VAL A 96 0.55 20.71 -11.49
N GLY A 97 1.79 21.23 -11.51
N GLY A 97 1.80 21.21 -11.52
CA GLY A 97 2.79 20.79 -10.57
CA GLY A 97 2.77 20.85 -10.49
C GLY A 97 2.95 19.29 -10.51
C GLY A 97 3.34 19.45 -10.62
N CYS A 98 3.62 18.84 -9.47
CA CYS A 98 4.07 17.47 -9.37
C CYS A 98 3.00 16.64 -8.65
N ALA A 99 2.56 15.54 -9.29
CA ALA A 99 1.46 14.78 -8.73
C ALA A 99 1.73 14.26 -7.33
N GLY A 100 2.98 14.08 -6.94
CA GLY A 100 3.30 13.56 -5.63
C GLY A 100 3.62 14.57 -4.56
N ARG A 101 3.46 15.87 -4.83
CA ARG A 101 3.92 16.86 -3.88
CA ARG A 101 3.89 16.90 -3.89
C ARG A 101 3.15 16.82 -2.57
N GLY A 102 1.89 16.37 -2.59
CA GLY A 102 1.11 16.30 -1.36
C GLY A 102 1.61 15.23 -0.39
N VAL A 103 2.26 14.19 -0.90
CA VAL A 103 2.79 13.15 -0.02
C VAL A 103 3.86 13.74 0.91
N ILE A 104 4.72 14.59 0.35
CA ILE A 104 5.78 15.20 1.16
C ILE A 104 5.16 16.08 2.25
N THR A 105 4.21 16.92 1.87
CA THR A 105 3.55 17.76 2.85
C THR A 105 2.88 16.92 3.95
N ALA A 106 2.20 15.85 3.56
CA ALA A 106 1.44 15.08 4.53
C ALA A 106 2.34 14.34 5.50
N ILE A 107 3.36 13.64 5.01
CA ILE A 107 4.20 12.89 5.92
C ILE A 107 4.93 13.82 6.89
N ASN A 108 5.37 14.97 6.42
CA ASN A 108 6.06 15.90 7.31
C ASN A 108 5.10 16.45 8.36
N PHE A 109 3.86 16.75 7.96
CA PHE A 109 2.86 17.24 8.92
C PHE A 109 2.60 16.20 9.99
N LEU A 110 2.41 14.94 9.59
CA LEU A 110 2.12 13.88 10.55
C LEU A 110 3.26 13.70 11.53
N GLU A 111 4.50 13.72 11.04
CA GLU A 111 5.65 13.58 11.93
C GLU A 111 5.72 14.74 12.93
N GLU A 112 5.63 15.97 12.43
CA GLU A 112 5.75 17.14 13.31
C GLU A 112 4.64 17.20 14.34
N GLU A 113 3.42 16.81 13.97
CA GLU A 113 2.28 16.94 14.87
C GLU A 113 2.12 15.74 15.81
N GLY A 114 3.07 14.81 15.80
CA GLY A 114 3.05 13.72 16.76
C GLY A 114 2.07 12.63 16.47
N ALA A 115 1.80 12.35 15.18
CA ALA A 115 0.87 11.28 14.84
C ALA A 115 1.46 9.91 15.11
N TYR A 116 2.79 9.80 15.14
CA TYR A 116 3.47 8.53 15.34
C TYR A 116 3.67 8.28 16.84
N GLU A 117 2.52 8.17 17.51
CA GLU A 117 2.44 7.89 18.94
C GLU A 117 2.76 6.43 19.25
N ASP A 118 3.39 6.20 20.41
CA ASP A 118 4.01 4.90 20.68
C ASP A 118 3.04 3.74 20.63
N ASP A 119 1.77 3.98 20.95
CA ASP A 119 0.86 2.83 21.00
C ASP A 119 0.46 2.33 19.61
N LEU A 120 0.83 3.02 18.53
CA LEU A 120 0.62 2.45 17.22
C LEU A 120 1.49 1.21 17.05
N ASP A 121 0.90 0.18 16.43
CA ASP A 121 1.65 -1.02 16.09
C ASP A 121 2.12 -1.02 14.64
N PHE A 122 1.35 -0.44 13.73
CA PHE A 122 1.65 -0.44 12.31
C PHE A 122 1.21 0.89 11.71
N VAL A 123 1.99 1.38 10.75
CA VAL A 123 1.56 2.41 9.81
C VAL A 123 1.64 1.82 8.43
N PHE A 124 0.59 2.02 7.62
CA PHE A 124 0.60 1.61 6.22
C PHE A 124 0.46 2.84 5.33
N TYR A 125 1.41 3.02 4.43
CA TYR A 125 1.31 4.01 3.35
C TYR A 125 0.84 3.29 2.10
N ASP A 126 -0.19 3.84 1.46
CA ASP A 126 -0.75 3.28 0.21
C ASP A 126 -0.28 4.21 -0.91
N VAL A 127 0.70 3.75 -1.71
CA VAL A 127 1.48 4.65 -2.56
C VAL A 127 1.28 4.29 -4.03
N LEU A 128 0.96 5.31 -4.84
CA LEU A 128 1.00 5.12 -6.30
C LEU A 128 2.40 4.67 -6.73
N GLY A 129 2.44 3.68 -7.64
CA GLY A 129 3.69 3.04 -8.03
C GLY A 129 3.97 2.98 -9.53
N ASP A 130 3.19 3.71 -10.33
CA ASP A 130 3.42 3.69 -11.78
C ASP A 130 4.65 4.51 -12.17
N VAL A 131 5.01 5.49 -11.35
CA VAL A 131 6.26 6.21 -11.45
C VAL A 131 6.86 6.20 -10.05
N VAL A 132 8.19 6.22 -9.97
CA VAL A 132 8.86 6.23 -8.68
C VAL A 132 9.71 7.49 -8.59
N CYS A 133 9.07 8.61 -8.29
CA CYS A 133 9.70 9.91 -8.35
C CYS A 133 8.89 10.86 -7.49
N GLY A 134 9.48 12.02 -7.19
CA GLY A 134 8.77 13.03 -6.43
C GLY A 134 8.32 12.46 -5.10
N GLY A 135 7.15 12.91 -4.66
CA GLY A 135 6.60 12.42 -3.39
C GLY A 135 6.36 10.91 -3.35
N PHE A 136 6.14 10.28 -4.51
CA PHE A 136 5.91 8.85 -4.51
C PHE A 136 7.17 8.07 -4.16
N ALA A 137 8.34 8.65 -4.47
CA ALA A 137 9.61 8.06 -4.07
C ALA A 137 10.00 8.41 -2.64
N MET A 138 9.38 9.43 -2.05
CA MET A 138 9.82 9.91 -0.74
C MET A 138 9.76 8.86 0.36
N PRO A 139 8.75 7.99 0.45
CA PRO A 139 8.79 6.96 1.50
C PRO A 139 10.02 6.07 1.43
N ILE A 140 10.55 5.85 0.23
CA ILE A 140 11.78 5.07 0.07
C ILE A 140 13.01 5.93 0.27
N ARG A 141 13.08 7.07 -0.44
CA ARG A 141 14.24 7.94 -0.37
C ARG A 141 14.52 8.43 1.04
N GLU A 142 13.46 8.79 1.78
CA GLU A 142 13.62 9.41 3.07
C GLU A 142 13.35 8.44 4.21
N ASN A 143 13.37 7.14 3.93
CA ASN A 143 13.38 6.12 4.97
C ASN A 143 12.10 6.15 5.82
N LYS A 144 10.95 6.37 5.18
CA LYS A 144 9.70 6.43 5.94
C LYS A 144 9.04 5.07 6.09
N ALA A 145 9.20 4.18 5.12
CA ALA A 145 8.56 2.88 5.14
C ALA A 145 9.66 1.82 5.05
N GLN A 146 9.96 1.17 6.17
CA GLN A 146 11.03 0.20 6.15
C GLN A 146 10.65 -1.06 5.40
N GLU A 147 9.36 -1.41 5.34
CA GLU A 147 8.90 -2.67 4.77
C GLU A 147 8.00 -2.35 3.57
N ILE A 148 8.48 -2.67 2.37
CA ILE A 148 7.69 -2.48 1.15
C ILE A 148 7.06 -3.81 0.76
N TYR A 149 5.75 -3.82 0.57
CA TYR A 149 5.03 -4.96 0.01
C TYR A 149 4.42 -4.48 -1.31
N ILE A 150 4.64 -5.25 -2.36
CA ILE A 150 4.20 -4.87 -3.70
C ILE A 150 3.04 -5.75 -4.12
N VAL A 151 1.90 -5.13 -4.40
CA VAL A 151 0.76 -5.86 -4.96
C VAL A 151 0.96 -5.97 -6.45
N CYS A 152 0.77 -7.18 -6.98
CA CYS A 152 0.96 -7.44 -8.39
C CYS A 152 0.04 -8.58 -8.82
N SER A 153 0.23 -9.03 -10.05
CA SER A 153 -0.55 -10.13 -10.61
C SER A 153 0.25 -10.67 -11.79
N GLY A 154 -0.28 -11.72 -12.42
CA GLY A 154 0.39 -12.28 -13.59
C GLY A 154 0.42 -11.36 -14.79
N GLU A 155 -0.28 -10.24 -14.74
CA GLU A 155 -0.21 -9.23 -15.79
C GLU A 155 1.22 -8.72 -15.94
N MET A 156 1.73 -8.73 -17.17
CA MET A 156 3.08 -8.24 -17.44
CA MET A 156 3.09 -8.24 -17.41
C MET A 156 3.30 -6.84 -16.86
N MET A 157 2.34 -5.93 -17.05
CA MET A 157 2.58 -4.59 -16.53
C MET A 157 2.66 -4.55 -15.01
N ALA A 158 1.92 -5.41 -14.32
CA ALA A 158 2.00 -5.46 -12.88
C ALA A 158 3.35 -5.98 -12.42
N MET A 159 3.91 -6.96 -13.15
CA MET A 159 5.25 -7.46 -12.78
C MET A 159 6.34 -6.48 -13.15
N TYR A 160 6.19 -5.79 -14.29
CA TYR A 160 7.11 -4.72 -14.63
C TYR A 160 7.16 -3.66 -13.53
N ALA A 161 5.98 -3.25 -13.04
CA ALA A 161 5.95 -2.26 -11.97
C ALA A 161 6.68 -2.78 -10.73
N ALA A 162 6.47 -4.05 -10.38
CA ALA A 162 7.15 -4.62 -9.22
C ALA A 162 8.66 -4.54 -9.38
N ASN A 163 9.15 -4.82 -10.59
CA ASN A 163 10.59 -4.72 -10.86
C ASN A 163 11.05 -3.28 -10.77
N ASN A 164 10.23 -2.34 -11.26
CA ASN A 164 10.60 -0.94 -11.23
C ASN A 164 10.70 -0.41 -9.80
N ILE A 165 9.71 -0.75 -8.97
CA ILE A 165 9.76 -0.35 -7.57
C ILE A 165 10.98 -0.95 -6.89
N SER A 166 11.30 -2.20 -7.21
CA SER A 166 12.49 -2.84 -6.64
C SER A 166 13.77 -2.10 -7.00
N LYS A 167 13.86 -1.61 -8.24
CA LYS A 167 15.02 -0.80 -8.63
C LYS A 167 15.15 0.45 -7.77
N GLY A 168 14.02 1.06 -7.41
CA GLY A 168 14.08 2.22 -6.54
C GLY A 168 14.56 1.87 -5.14
N ILE A 169 14.17 0.69 -4.65
CA ILE A 169 14.68 0.26 -3.34
C ILE A 169 16.19 0.07 -3.38
N VAL A 170 16.69 -0.55 -4.45
CA VAL A 170 18.13 -0.78 -4.56
C VAL A 170 18.86 0.55 -4.58
N LYS A 171 18.29 1.55 -5.26
CA LYS A 171 18.97 2.82 -5.44
C LYS A 171 19.25 3.51 -4.11
N TYR A 172 18.41 3.29 -3.09
CA TYR A 172 18.57 3.95 -1.80
C TYR A 172 19.03 3.00 -0.69
N ALA A 173 19.60 1.85 -1.05
CA ALA A 173 19.99 0.86 -0.05
C ALA A 173 21.19 1.29 0.80
N ASN A 174 22.00 2.23 0.32
CA ASN A 174 23.17 2.68 1.08
C ASN A 174 22.82 3.56 2.26
N SER A 175 21.61 4.11 2.29
CA SER A 175 21.09 4.94 3.36
C SER A 175 19.81 4.33 3.93
N GLY A 176 19.47 4.75 5.15
CA GLY A 176 18.28 4.22 5.80
C GLY A 176 18.16 2.71 5.80
N SER A 177 16.93 2.22 5.92
CA SER A 177 16.72 0.79 6.06
C SER A 177 15.50 0.29 5.29
N VAL A 178 15.21 0.91 4.14
CA VAL A 178 14.05 0.49 3.36
C VAL A 178 14.38 -0.82 2.63
N ARG A 179 13.47 -1.81 2.75
CA ARG A 179 13.69 -3.14 2.20
C ARG A 179 12.40 -3.64 1.57
N LEU A 180 12.54 -4.57 0.64
CA LEU A 180 11.39 -5.28 0.08
C LEU A 180 11.01 -6.42 1.02
N GLY A 181 9.75 -6.40 1.47
CA GLY A 181 9.22 -7.44 2.36
C GLY A 181 8.48 -8.56 1.68
N GLY A 182 7.97 -8.35 0.48
CA GLY A 182 7.30 -9.44 -0.21
C GLY A 182 6.41 -8.94 -1.33
N LEU A 183 5.95 -9.89 -2.14
CA LEU A 183 4.97 -9.64 -3.17
C LEU A 183 3.63 -10.22 -2.72
N ILE A 184 2.55 -9.51 -3.01
CA ILE A 184 1.19 -9.97 -2.75
C ILE A 184 0.55 -10.16 -4.11
N CYS A 185 0.14 -11.39 -4.43
CA CYS A 185 -0.50 -11.65 -5.72
C CYS A 185 -1.99 -11.40 -5.58
N ASN A 186 -2.51 -10.44 -6.33
CA ASN A 186 -3.96 -10.16 -6.34
C ASN A 186 -4.45 -10.79 -7.63
N SER A 187 -5.13 -11.93 -7.48
CA SER A 187 -5.36 -12.85 -8.60
C SER A 187 -6.24 -12.24 -9.68
N ARG A 188 -5.88 -12.52 -10.95
CA ARG A 188 -6.78 -12.32 -12.07
C ARG A 188 -7.53 -13.59 -12.43
N ASN A 189 -7.50 -14.59 -11.55
CA ASN A 189 -8.22 -15.85 -11.76
C ASN A 189 -7.65 -16.62 -12.95
N THR A 190 -6.33 -16.62 -13.08
CA THR A 190 -5.63 -17.30 -14.15
C THR A 190 -4.86 -18.50 -13.59
N ASP A 191 -4.54 -19.44 -14.48
CA ASP A 191 -3.95 -20.70 -14.07
C ASP A 191 -2.45 -20.55 -13.84
N ARG A 192 -1.95 -21.21 -12.79
CA ARG A 192 -0.55 -21.16 -12.36
C ARG A 192 -0.11 -19.75 -11.99
N GLU A 193 -1.05 -18.83 -11.76
CA GLU A 193 -0.67 -17.47 -11.40
C GLU A 193 0.10 -17.43 -10.08
N ASP A 194 -0.33 -18.24 -9.11
CA ASP A 194 0.42 -18.31 -7.86
C ASP A 194 1.87 -18.75 -8.11
N GLU A 195 2.06 -19.77 -8.96
CA GLU A 195 3.40 -20.26 -9.24
C GLU A 195 4.23 -19.19 -9.95
N LEU A 196 3.59 -18.42 -10.83
CA LEU A 196 4.27 -17.34 -11.54
C LEU A 196 4.81 -16.28 -10.58
N ILE A 197 3.97 -15.84 -9.64
CA ILE A 197 4.40 -14.79 -8.71
C ILE A 197 5.41 -15.31 -7.69
N ILE A 198 5.28 -16.57 -7.29
CA ILE A 198 6.32 -17.20 -6.47
C ILE A 198 7.66 -17.18 -7.20
N ALA A 199 7.65 -17.51 -8.49
CA ALA A 199 8.90 -17.54 -9.26
C ALA A 199 9.50 -16.14 -9.37
N LEU A 200 8.65 -15.13 -9.61
CA LEU A 200 9.14 -13.76 -9.68
C LEU A 200 9.73 -13.33 -8.34
N ALA A 201 9.05 -13.64 -7.25
CA ALA A 201 9.56 -13.28 -5.93
C ALA A 201 10.93 -13.92 -5.69
N ASN A 202 11.08 -15.20 -6.07
CA ASN A 202 12.37 -15.85 -5.87
C ASN A 202 13.46 -15.19 -6.69
N LYS A 203 13.15 -14.78 -7.92
CA LYS A 203 14.16 -14.12 -8.74
C LYS A 203 14.59 -12.79 -8.12
N LEU A 204 13.65 -12.04 -7.54
CA LEU A 204 13.95 -10.77 -6.88
C LEU A 204 14.62 -10.95 -5.53
N GLY A 205 14.56 -12.16 -4.97
CA GLY A 205 15.14 -12.45 -3.68
C GLY A 205 14.19 -12.35 -2.50
N THR A 206 12.89 -12.22 -2.75
CA THR A 206 11.87 -12.08 -1.72
C THR A 206 10.96 -13.32 -1.73
N GLN A 207 9.69 -13.14 -1.35
CA GLN A 207 8.74 -14.23 -1.26
C GLN A 207 7.38 -13.69 -1.71
N MET A 208 6.49 -14.59 -2.10
CA MET A 208 5.06 -14.28 -2.19
C MET A 208 4.44 -14.42 -0.83
N ILE A 209 4.06 -13.31 -0.20
CA ILE A 209 3.58 -13.41 1.16
C ILE A 209 2.16 -13.98 1.20
N HIS A 210 1.33 -13.68 0.18
CA HIS A 210 0.01 -14.29 0.10
C HIS A 210 -0.53 -14.19 -1.32
N PHE A 211 -1.36 -15.17 -1.69
CA PHE A 211 -2.14 -15.15 -2.93
C PHE A 211 -3.57 -14.78 -2.57
N VAL A 212 -3.99 -13.58 -2.96
CA VAL A 212 -5.35 -13.11 -2.70
C VAL A 212 -6.25 -13.52 -3.86
N PRO A 213 -7.28 -14.33 -3.63
CA PRO A 213 -8.16 -14.72 -4.74
C PRO A 213 -9.01 -13.54 -5.21
N ARG A 214 -9.45 -13.64 -6.47
CA ARG A 214 -10.46 -12.74 -7.00
C ARG A 214 -11.81 -13.22 -6.50
N ASP A 215 -12.56 -12.36 -5.82
CA ASP A 215 -13.82 -12.80 -5.24
C ASP A 215 -14.79 -11.61 -5.26
N ASN A 216 -15.98 -11.83 -5.83
CA ASN A 216 -16.97 -10.79 -6.06
C ASN A 216 -17.50 -10.17 -4.76
N VAL A 217 -17.29 -10.83 -3.63
CA VAL A 217 -17.68 -10.28 -2.34
C VAL A 217 -16.98 -8.96 -2.08
N VAL A 218 -15.79 -8.76 -2.67
CA VAL A 218 -15.11 -7.48 -2.57
C VAL A 218 -15.99 -6.36 -3.12
N GLN A 219 -16.57 -6.56 -4.31
CA GLN A 219 -17.38 -5.52 -4.93
C GLN A 219 -18.64 -5.29 -4.10
N ARG A 220 -19.23 -6.36 -3.58
CA ARG A 220 -20.45 -6.23 -2.78
C ARG A 220 -20.16 -5.47 -1.49
N ALA A 221 -18.99 -5.70 -0.89
CA ALA A 221 -18.61 -4.95 0.30
C ALA A 221 -18.31 -3.49 -0.03
N GLU A 222 -17.64 -3.24 -1.16
CA GLU A 222 -17.20 -1.87 -1.46
C GLU A 222 -18.36 -0.98 -1.90
N ILE A 223 -19.37 -1.56 -2.55
CA ILE A 223 -20.59 -0.83 -2.86
C ILE A 223 -21.23 -0.27 -1.59
N ARG A 224 -21.06 -0.97 -0.47
CA ARG A 224 -21.51 -0.52 0.84
C ARG A 224 -20.45 0.21 1.64
N ARG A 225 -19.35 0.61 1.00
CA ARG A 225 -18.25 1.34 1.64
C ARG A 225 -17.66 0.61 2.85
N MET A 226 -17.49 -0.72 2.74
CA MET A 226 -16.85 -1.48 3.80
C MET A 226 -15.75 -2.41 3.29
N THR A 227 -14.87 -2.78 4.22
CA THR A 227 -14.00 -3.92 3.98
C THR A 227 -14.84 -5.20 4.03
N VAL A 228 -14.31 -6.26 3.41
CA VAL A 228 -14.92 -7.58 3.54
C VAL A 228 -14.92 -8.04 4.99
N ILE A 229 -13.85 -7.70 5.72
CA ILE A 229 -13.73 -8.02 7.15
C ILE A 229 -14.95 -7.53 7.92
N GLU A 230 -15.36 -6.29 7.68
CA GLU A 230 -16.55 -5.74 8.34
C GLU A 230 -17.85 -6.23 7.69
N TYR A 231 -17.92 -6.24 6.37
CA TYR A 231 -19.16 -6.54 5.64
C TYR A 231 -19.64 -7.97 5.91
N ASP A 232 -18.75 -8.95 5.82
CA ASP A 232 -19.11 -10.36 5.99
C ASP A 232 -17.95 -11.09 6.64
N PRO A 233 -17.87 -11.03 7.98
CA PRO A 233 -16.72 -11.65 8.67
C PRO A 233 -16.58 -13.15 8.46
N LYS A 234 -17.62 -13.82 8.00
CA LYS A 234 -17.58 -15.26 7.72
C LYS A 234 -17.14 -15.58 6.30
N ALA A 235 -16.95 -14.58 5.45
CA ALA A 235 -16.63 -14.84 4.06
C ALA A 235 -15.30 -15.57 3.96
N LYS A 236 -15.20 -16.48 2.99
CA LYS A 236 -13.92 -17.07 2.66
C LYS A 236 -12.88 -15.99 2.41
N GLN A 237 -13.25 -14.94 1.69
CA GLN A 237 -12.30 -13.87 1.39
C GLN A 237 -11.85 -13.13 2.65
N ALA A 238 -12.71 -13.08 3.68
CA ALA A 238 -12.29 -12.50 4.95
C ALA A 238 -11.14 -13.31 5.56
N ASP A 239 -11.25 -14.63 5.51
CA ASP A 239 -10.18 -15.49 5.99
C ASP A 239 -8.91 -15.33 5.17
N GLU A 240 -9.04 -15.03 3.87
CA GLU A 240 -7.85 -14.77 3.06
C GLU A 240 -7.12 -13.53 3.56
N TYR A 241 -7.85 -12.44 3.80
CA TYR A 241 -7.20 -11.25 4.33
C TYR A 241 -6.64 -11.46 5.73
N ARG A 242 -7.28 -12.32 6.53
CA ARG A 242 -6.74 -12.67 7.84
C ARG A 242 -5.43 -13.46 7.71
N ALA A 243 -5.34 -14.34 6.72
CA ALA A 243 -4.11 -15.07 6.47
C ALA A 243 -3.00 -14.12 6.04
N LEU A 244 -3.32 -13.18 5.12
CA LEU A 244 -2.35 -12.17 4.71
C LEU A 244 -1.86 -11.36 5.90
N ALA A 245 -2.79 -10.92 6.76
CA ALA A 245 -2.40 -10.11 7.90
C ALA A 245 -1.48 -10.89 8.84
N ARG A 246 -1.80 -12.16 9.10
CA ARG A 246 -0.98 -12.98 9.96
C ARG A 246 0.44 -13.10 9.42
N LYS A 247 0.55 -13.30 8.10
CA LYS A 247 1.88 -13.49 7.51
C LYS A 247 2.68 -12.19 7.48
N VAL A 248 2.02 -11.04 7.32
CA VAL A 248 2.72 -9.77 7.45
C VAL A 248 3.24 -9.60 8.88
N VAL A 249 2.43 -9.94 9.88
CA VAL A 249 2.86 -9.80 11.26
C VAL A 249 4.10 -10.65 11.51
N ASP A 250 4.09 -11.88 11.00
CA ASP A 250 5.14 -12.85 11.28
C ASP A 250 6.35 -12.72 10.34
N ASN A 251 6.27 -11.87 9.32
CA ASN A 251 7.34 -11.84 8.31
C ASN A 251 8.62 -11.28 8.91
N LYS A 252 9.73 -11.99 8.66
CA LYS A 252 11.05 -11.50 9.06
CA LYS A 252 11.06 -11.53 9.06
C LYS A 252 12.00 -11.32 7.88
N LEU A 253 11.57 -11.60 6.66
CA LEU A 253 12.44 -11.49 5.48
C LEU A 253 12.26 -10.12 4.84
N LEU A 254 13.29 -9.29 4.97
CA LEU A 254 13.32 -7.92 4.43
C LEU A 254 14.63 -7.78 3.69
N VAL A 255 14.60 -7.65 2.36
CA VAL A 255 15.83 -7.79 1.59
C VAL A 255 16.06 -6.56 0.73
N ILE A 256 17.30 -6.40 0.30
CA ILE A 256 17.63 -5.52 -0.83
C ILE A 256 17.40 -6.38 -2.08
N PRO A 257 16.43 -6.05 -2.92
CA PRO A 257 16.01 -6.98 -3.96
C PRO A 257 16.99 -7.01 -5.12
N ASN A 258 16.82 -8.01 -5.97
CA ASN A 258 17.64 -8.21 -7.16
C ASN A 258 16.78 -7.99 -8.39
N PRO A 259 16.69 -6.77 -8.92
CA PRO A 259 15.88 -6.54 -10.11
C PRO A 259 16.34 -7.39 -11.29
N ILE A 260 15.38 -7.75 -12.13
CA ILE A 260 15.62 -8.66 -13.24
C ILE A 260 15.51 -7.90 -14.55
N THR A 261 16.00 -8.53 -15.61
CA THR A 261 15.99 -7.93 -16.93
C THR A 261 14.65 -8.19 -17.61
N MET A 262 14.42 -7.47 -18.71
CA MET A 262 13.18 -7.68 -19.46
C MET A 262 13.11 -9.09 -20.02
N ASP A 263 14.26 -9.65 -20.41
CA ASP A 263 14.29 -11.03 -20.91
C ASP A 263 13.84 -12.02 -19.85
N GLU A 264 14.25 -11.80 -18.60
CA GLU A 264 13.83 -12.69 -17.51
CA GLU A 264 13.84 -12.68 -17.50
C GLU A 264 12.33 -12.64 -17.31
N LEU A 265 11.76 -11.43 -17.31
CA LEU A 265 10.31 -11.27 -17.17
C LEU A 265 9.59 -12.02 -18.29
N GLU A 266 9.99 -11.79 -19.54
CA GLU A 266 9.31 -12.44 -20.66
C GLU A 266 9.47 -13.96 -20.60
N GLU A 267 10.64 -14.44 -20.18
CA GLU A 267 10.80 -15.88 -20.00
C GLU A 267 9.84 -16.43 -18.95
N LEU A 268 9.64 -15.70 -17.84
CA LEU A 268 8.66 -16.13 -16.84
C LEU A 268 7.27 -16.31 -17.45
N LEU A 269 6.80 -15.28 -18.17
CA LEU A 269 5.46 -15.38 -18.75
C LEU A 269 5.37 -16.50 -19.78
N MET A 270 6.37 -16.59 -20.65
CA MET A 270 6.41 -17.67 -21.63
C MET A 270 6.33 -19.03 -20.95
N GLU A 271 7.16 -19.23 -19.92
CA GLU A 271 7.24 -20.52 -19.27
C GLU A 271 5.92 -20.90 -18.61
N PHE A 272 5.36 -20.01 -17.80
CA PHE A 272 4.12 -20.33 -17.08
C PHE A 272 2.88 -20.23 -17.96
N GLY A 273 3.05 -20.01 -19.26
CA GLY A 273 1.98 -20.12 -20.22
C GLY A 273 0.78 -19.23 -19.99
N ILE A 274 0.95 -18.13 -19.26
CA ILE A 274 -0.15 -17.21 -19.02
C ILE A 274 -0.40 -16.32 -20.23
FE1 SF4 B . 6.56 14.69 -9.93
FE2 SF4 B . 7.19 12.24 -10.96
S3 SF4 B . 5.19 12.83 -9.97
S4 SF4 B . 8.69 13.87 -10.27
SE4 SFS C . 8.83 13.86 -10.19
FE1 SFS C . 6.56 14.69 -9.93
FE2 SFS C . 7.19 12.24 -10.96
SE3 SFS C . 5.09 12.76 -9.85
PB ADP D . -5.49 0.51 -6.57
O1B ADP D . -5.67 1.55 -7.67
O2B ADP D . -4.24 -0.31 -6.75
O3B ADP D . -5.69 1.10 -5.19
PA ADP D . -7.98 -0.81 -5.84
O1A ADP D . -8.85 0.41 -5.87
O2A ADP D . -7.59 -1.41 -4.51
O3A ADP D . -6.67 -0.57 -6.76
O5' ADP D . -8.70 -1.99 -6.67
C5' ADP D . -9.24 -1.71 -7.97
C4' ADP D . -10.53 -2.49 -8.19
O4' ADP D . -10.26 -3.90 -8.08
C3' ADP D . -11.57 -2.15 -7.16
O3' ADP D . -12.85 -2.04 -7.81
C2' ADP D . -11.62 -3.36 -6.27
O2' ADP D . -12.91 -3.57 -5.72
C1' ADP D . -11.21 -4.49 -7.20
N9 ADP D . -10.52 -5.57 -6.50
C8 ADP D . -9.31 -5.48 -5.91
N7 ADP D . -8.95 -6.66 -5.37
C5 ADP D . -9.94 -7.54 -5.64
C6 ADP D . -10.18 -8.96 -5.36
N6 ADP D . -9.28 -9.71 -4.69
N1 ADP D . -11.34 -9.49 -5.82
C2 ADP D . -12.26 -8.76 -6.50
N3 ADP D . -12.08 -7.45 -6.79
C4 ADP D . -10.96 -6.81 -6.39
MG MG E . -5.94 3.02 -4.45
#